data_5UPU
#
_entry.id   5UPU
#
_cell.length_a   88.614
_cell.length_b   88.614
_cell.length_c   85.056
_cell.angle_alpha   90.00
_cell.angle_beta   90.00
_cell.angle_gamma   90.00
#
_symmetry.space_group_name_H-M   'I 4'
#
loop_
_entity.id
_entity.type
_entity.pdbx_description
1 polymer "Inosine-5'-monophosphate dehydrogenase"
2 non-polymer 'INOSINIC ACID'
3 non-polymer ~{N}-(2~{H}-indazol-6-yl)-3,5-dimethyl-1~{H}-pyrazole-4-sulfonamide
4 water water
#
_entity_poly.entity_id   1
_entity_poly.type   'polypeptide(L)'
_entity_poly.pdbx_seq_one_letter_code
;SNAMSRGMSGLEDSSDLVVSPYVRMGGLTTDPVPTGGDDPHKVAMLGLTFDDVLLLPAASDVVPATADTSSQLTKKIRLK
VPLVSSAMDTVTESRMAIAMARAGGMGVLHRNLPVAEQAGQVEMVKRSGGLLVGAAVGVGGDAWVRAMMLVDAGVDVLVV
DTAHAHNRLVLDMVGKLKSEVGDRVEVVGGNVATRSAAAALVDAGADAVKVGVGPGSICTTRVVAGVGAPQITAILEAVA
ACRPAGVPVIADGGLQYSGDIAKALAAGASTAMLGSLLAGTAEAPGELIFVNGKQYKSYRGMGSLGAMRGRGGATSYSKD
RYFADDALSEDKLVPEGIEGRVPFRGPLSSVIHQLTGGLRAAMGYTGSPTIEVLQQAQFVRITPAGLKESHPHDVAMTVE
APNYYAR
;
_entity_poly.pdbx_strand_id   A
#
loop_
_chem_comp.id
_chem_comp.type
_chem_comp.name
_chem_comp.formula
6Q9 non-polymer ~{N}-(2~{H}-indazol-6-yl)-3,5-dimethyl-1~{H}-pyrazole-4-sulfonamide 'C12 H13 N5 O2 S'
IMP non-polymer 'INOSINIC ACID' 'C10 H13 N4 O8 P'
#
# COMPACT_ATOMS: atom_id res chain seq x y z
N ASP A 31 -29.26 -26.59 -16.90
CA ASP A 31 -27.95 -26.49 -17.54
C ASP A 31 -26.86 -26.22 -16.52
N PRO A 32 -25.89 -27.14 -16.39
CA PRO A 32 -24.80 -27.03 -15.43
C PRO A 32 -23.71 -26.04 -15.86
N VAL A 33 -23.26 -25.22 -14.91
CA VAL A 33 -22.12 -24.32 -15.13
C VAL A 33 -20.86 -25.16 -15.36
N PRO A 34 -20.07 -24.81 -16.39
CA PRO A 34 -18.86 -25.55 -16.78
C PRO A 34 -17.83 -25.78 -15.65
N THR A 35 -18.09 -25.24 -14.46
CA THR A 35 -17.20 -25.47 -13.32
C THR A 35 -17.97 -26.05 -12.14
N GLY A 36 -19.25 -26.33 -12.33
CA GLY A 36 -20.06 -26.94 -11.29
C GLY A 36 -21.23 -26.08 -10.85
N GLY A 37 -22.34 -26.73 -10.49
CA GLY A 37 -23.52 -26.03 -10.03
C GLY A 37 -24.33 -25.41 -11.16
N ASP A 38 -25.45 -24.80 -10.81
CA ASP A 38 -26.30 -24.14 -11.78
C ASP A 38 -26.22 -22.62 -11.61
N ASP A 39 -25.31 -22.19 -10.75
CA ASP A 39 -25.15 -20.76 -10.46
C ASP A 39 -23.91 -20.19 -11.14
N PRO A 40 -24.11 -19.38 -12.18
CA PRO A 40 -23.02 -18.76 -12.94
C PRO A 40 -22.21 -17.77 -12.09
N HIS A 41 -22.85 -17.22 -11.06
CA HIS A 41 -22.21 -16.19 -10.24
C HIS A 41 -21.59 -16.74 -8.97
N LYS A 42 -21.64 -18.07 -8.82
CA LYS A 42 -20.98 -18.72 -7.69
C LYS A 42 -19.48 -18.44 -7.74
N VAL A 43 -18.88 -18.74 -8.89
CA VAL A 43 -17.53 -18.30 -9.18
C VAL A 43 -17.64 -17.01 -9.99
N ALA A 44 -17.58 -15.87 -9.28
CA ALA A 44 -17.85 -14.57 -9.87
C ALA A 44 -16.93 -14.24 -11.05
N MET A 45 -15.66 -14.01 -10.77
CA MET A 45 -14.73 -13.59 -11.81
C MET A 45 -13.38 -14.29 -11.73
N LEU A 46 -12.52 -14.01 -12.69
CA LEU A 46 -11.18 -14.59 -12.75
C LEU A 46 -10.15 -13.62 -12.17
N GLY A 47 -9.41 -14.07 -11.17
CA GLY A 47 -8.46 -13.22 -10.47
C GLY A 47 -7.09 -13.15 -11.12
N LEU A 48 -6.66 -11.93 -11.43
CA LEU A 48 -5.34 -11.71 -12.04
C LEU A 48 -4.38 -11.07 -11.04
N THR A 49 -3.15 -11.57 -11.02
CA THR A 49 -2.11 -11.00 -10.17
C THR A 49 -1.04 -10.33 -11.03
N PHE A 50 -0.02 -9.79 -10.39
CA PHE A 50 1.03 -9.04 -11.09
C PHE A 50 1.76 -9.88 -12.13
N ASP A 51 1.93 -11.17 -11.84
CA ASP A 51 2.65 -12.06 -12.73
C ASP A 51 1.82 -12.45 -13.95
N ASP A 52 0.51 -12.31 -13.83
CA ASP A 52 -0.41 -12.68 -14.91
C ASP A 52 -0.36 -11.70 -16.07
N VAL A 53 0.12 -10.48 -15.82
CA VAL A 53 0.04 -9.41 -16.80
C VAL A 53 1.39 -8.80 -17.14
N LEU A 54 1.44 -8.15 -18.31
CA LEU A 54 2.58 -7.36 -18.74
C LEU A 54 2.08 -6.10 -19.41
N LEU A 55 2.84 -5.02 -19.29
CA LEU A 55 2.45 -3.75 -19.88
C LEU A 55 2.74 -3.70 -21.38
N LEU A 56 1.75 -3.31 -22.16
CA LEU A 56 1.91 -3.18 -23.60
C LEU A 56 2.58 -1.86 -23.97
N PRO A 57 3.66 -1.93 -24.76
CA PRO A 57 4.35 -0.74 -25.26
C PRO A 57 3.51 0.00 -26.30
N ALA A 58 3.45 1.33 -26.19
CA ALA A 58 2.71 2.14 -27.14
C ALA A 58 3.59 3.24 -27.70
N ALA A 59 3.02 4.07 -28.57
CA ALA A 59 3.74 5.22 -29.13
C ALA A 59 4.18 6.15 -28.01
N SER A 60 5.42 6.63 -28.07
CA SER A 60 5.98 7.38 -26.96
C SER A 60 6.79 8.60 -27.38
N ASP A 61 6.54 9.72 -26.70
CA ASP A 61 7.40 10.89 -26.80
C ASP A 61 8.12 11.04 -25.48
N VAL A 62 8.05 10.00 -24.66
CA VAL A 62 8.55 10.05 -23.29
C VAL A 62 9.80 9.21 -23.09
N VAL A 63 10.86 9.85 -22.61
CA VAL A 63 12.05 9.15 -22.15
C VAL A 63 12.02 9.12 -20.63
N PRO A 64 12.63 8.09 -20.02
CA PRO A 64 12.63 7.92 -18.56
C PRO A 64 13.04 9.19 -17.80
N ALA A 65 13.86 10.03 -18.42
CA ALA A 65 14.35 11.25 -17.80
C ALA A 65 13.27 12.30 -17.65
N THR A 66 12.36 12.37 -18.62
CA THR A 66 11.37 13.45 -18.67
C THR A 66 10.02 13.07 -18.05
N ALA A 67 9.92 11.85 -17.53
CA ALA A 67 8.67 11.40 -16.93
C ALA A 67 8.36 12.14 -15.63
N ASP A 68 7.07 12.30 -15.34
CA ASP A 68 6.64 12.95 -14.10
C ASP A 68 5.98 11.94 -13.19
N THR A 69 6.73 11.44 -12.21
CA THR A 69 6.27 10.38 -11.33
C THR A 69 5.32 10.86 -10.23
N SER A 70 5.08 12.17 -10.19
CA SER A 70 4.21 12.74 -9.16
C SER A 70 2.79 12.18 -9.26
N SER A 71 2.21 11.85 -8.12
CA SER A 71 0.86 11.32 -8.06
C SER A 71 0.19 11.64 -6.72
N GLN A 72 -1.11 11.36 -6.63
CA GLN A 72 -1.87 11.68 -5.43
C GLN A 72 -1.91 10.54 -4.43
N LEU A 73 -1.42 10.80 -3.22
CA LEU A 73 -1.57 9.86 -2.13
C LEU A 73 -2.99 9.92 -1.62
N THR A 74 -3.45 11.14 -1.34
CA THR A 74 -4.83 11.38 -0.92
C THR A 74 -5.49 12.38 -1.87
N LYS A 75 -6.66 12.88 -1.48
CA LYS A 75 -7.37 13.87 -2.28
C LYS A 75 -6.73 15.24 -2.18
N LYS A 76 -5.99 15.46 -1.08
CA LYS A 76 -5.35 16.75 -0.84
C LYS A 76 -3.83 16.69 -0.99
N ILE A 77 -3.26 15.51 -0.76
CA ILE A 77 -1.81 15.38 -0.69
C ILE A 77 -1.20 14.73 -1.93
N ARG A 78 -0.21 15.40 -2.51
CA ARG A 78 0.50 14.89 -3.68
C ARG A 78 1.96 14.64 -3.36
N LEU A 79 2.47 13.49 -3.80
CA LEU A 79 3.87 13.14 -3.56
C LEU A 79 4.68 13.23 -4.85
N LYS A 80 5.99 13.45 -4.70
CA LYS A 80 6.88 13.47 -5.85
C LYS A 80 7.18 12.04 -6.31
N VAL A 81 7.12 11.11 -5.38
CA VAL A 81 7.29 9.68 -5.67
C VAL A 81 6.10 8.92 -5.11
N PRO A 82 5.39 8.18 -5.97
CA PRO A 82 4.14 7.50 -5.58
C PRO A 82 4.37 6.22 -4.78
N LEU A 83 5.26 6.29 -3.79
CA LEU A 83 5.57 5.12 -2.98
C LEU A 83 5.35 5.39 -1.49
N VAL A 84 4.87 4.38 -0.78
CA VAL A 84 4.64 4.47 0.66
C VAL A 84 5.20 3.23 1.35
N SER A 85 5.82 3.41 2.51
CA SER A 85 6.33 2.28 3.27
C SER A 85 5.26 1.75 4.22
N SER A 86 5.17 0.42 4.34
CA SER A 86 4.11 -0.22 5.10
C SER A 86 4.19 0.06 6.59
N ALA A 87 3.02 0.12 7.24
CA ALA A 87 2.94 0.35 8.67
C ALA A 87 3.20 -0.93 9.46
N MET A 88 4.45 -1.38 9.44
CA MET A 88 4.83 -2.61 10.12
C MET A 88 6.03 -2.37 11.04
N ASP A 89 6.12 -3.13 12.12
CA ASP A 89 7.15 -2.91 13.12
C ASP A 89 8.54 -3.36 12.66
N THR A 90 8.62 -3.88 11.45
CA THR A 90 9.91 -4.26 10.86
C THR A 90 10.17 -3.45 9.60
N VAL A 91 9.35 -2.44 9.36
CA VAL A 91 9.43 -1.67 8.13
C VAL A 91 9.54 -0.16 8.37
N THR A 92 8.51 0.44 8.97
CA THR A 92 8.41 1.89 9.05
C THR A 92 8.28 2.48 10.45
N GLU A 93 9.36 3.11 10.92
CA GLU A 93 9.32 4.00 12.08
C GLU A 93 10.13 5.27 11.77
N SER A 94 10.46 6.03 12.81
CA SER A 94 11.11 7.34 12.69
C SER A 94 12.11 7.48 11.55
N ARG A 95 13.17 6.67 11.57
CA ARG A 95 14.20 6.72 10.54
C ARG A 95 13.63 6.53 9.14
N MET A 96 12.84 5.47 8.97
CA MET A 96 12.23 5.16 7.67
C MET A 96 11.25 6.24 7.21
N ALA A 97 10.40 6.69 8.12
CA ALA A 97 9.37 7.68 7.79
C ALA A 97 9.99 8.99 7.32
N ILE A 98 11.14 9.34 7.89
CA ILE A 98 11.85 10.55 7.49
C ILE A 98 12.49 10.38 6.12
N ALA A 99 13.24 9.30 5.97
CA ALA A 99 13.96 9.03 4.72
C ALA A 99 13.02 8.86 3.54
N MET A 100 11.83 8.32 3.80
CA MET A 100 10.82 8.16 2.75
C MET A 100 10.32 9.51 2.26
N ALA A 101 10.08 10.43 3.19
CA ALA A 101 9.60 11.77 2.84
C ALA A 101 10.63 12.54 2.03
N ARG A 102 11.89 12.39 2.41
CA ARG A 102 12.98 13.09 1.74
C ARG A 102 13.25 12.52 0.35
N ALA A 103 12.76 11.31 0.12
CA ALA A 103 12.89 10.67 -1.19
C ALA A 103 11.74 11.09 -2.09
N GLY A 104 10.74 11.74 -1.51
CA GLY A 104 9.59 12.20 -2.26
C GLY A 104 8.30 11.51 -1.86
N GLY A 105 8.43 10.35 -1.23
CA GLY A 105 7.29 9.57 -0.81
C GLY A 105 6.85 9.91 0.61
N MET A 106 6.42 8.89 1.35
CA MET A 106 5.97 9.07 2.72
C MET A 106 6.01 7.75 3.48
N GLY A 107 6.22 7.83 4.79
CA GLY A 107 6.21 6.65 5.63
C GLY A 107 5.03 6.65 6.59
N VAL A 108 4.48 5.46 6.83
CA VAL A 108 3.37 5.32 7.76
C VAL A 108 3.81 4.56 9.01
N LEU A 109 3.80 5.26 10.14
CA LEU A 109 4.24 4.66 11.40
C LEU A 109 3.30 3.57 11.87
N HIS A 110 3.86 2.43 12.26
CA HIS A 110 3.06 1.31 12.75
C HIS A 110 2.48 1.60 14.12
N ARG A 111 1.60 0.73 14.59
CA ARG A 111 0.87 0.98 15.84
C ARG A 111 1.03 -0.15 16.85
N ASN A 112 2.14 -0.87 16.77
CA ASN A 112 2.42 -1.94 17.72
C ASN A 112 3.29 -1.42 18.86
N LEU A 113 2.90 -0.28 19.42
CA LEU A 113 3.66 0.40 20.46
C LEU A 113 2.78 1.42 21.16
N PRO A 114 3.14 1.81 22.40
CA PRO A 114 2.37 2.81 23.15
C PRO A 114 2.06 4.07 22.36
N VAL A 115 0.89 4.65 22.60
CA VAL A 115 0.46 5.86 21.90
C VAL A 115 1.43 7.00 22.14
N ALA A 116 1.97 7.08 23.35
CA ALA A 116 2.89 8.15 23.74
C ALA A 116 4.14 8.17 22.87
N GLU A 117 4.67 6.99 22.55
CA GLU A 117 5.89 6.91 21.76
C GLU A 117 5.60 7.10 20.27
N GLN A 118 4.50 6.52 19.79
CA GLN A 118 4.12 6.67 18.39
C GLN A 118 3.85 8.13 18.05
N ALA A 119 3.17 8.83 18.97
CA ALA A 119 2.91 10.25 18.80
C ALA A 119 4.22 11.03 18.88
N GLY A 120 5.17 10.50 19.65
CA GLY A 120 6.47 11.12 19.79
C GLY A 120 7.28 11.00 18.51
N GLN A 121 7.13 9.88 17.83
CA GLN A 121 7.83 9.65 16.57
C GLN A 121 7.31 10.57 15.48
N VAL A 122 6.04 10.94 15.58
CA VAL A 122 5.44 11.87 14.64
C VAL A 122 6.12 13.23 14.76
N GLU A 123 6.33 13.67 15.99
CA GLU A 123 6.97 14.95 16.26
C GLU A 123 8.43 14.95 15.81
N MET A 124 9.11 13.81 15.96
CA MET A 124 10.49 13.69 15.54
C MET A 124 10.63 13.83 14.02
N VAL A 125 9.63 13.32 13.31
CA VAL A 125 9.62 13.43 11.85
C VAL A 125 9.30 14.85 11.40
N LYS A 126 8.26 15.43 12.00
CA LYS A 126 7.80 16.76 11.63
C LYS A 126 8.83 17.86 11.94
N ARG A 127 9.68 17.60 12.93
CA ARG A 127 10.67 18.58 13.35
C ARG A 127 11.96 18.47 12.53
N SER A 128 11.96 17.57 11.56
CA SER A 128 13.14 17.34 10.72
C SER A 128 13.01 18.07 9.38
N GLY A 129 12.16 19.09 9.34
CA GLY A 129 12.02 19.90 8.15
C GLY A 129 10.59 20.02 7.65
N GLY A 130 9.63 19.71 8.51
CA GLY A 130 8.22 19.77 8.14
C GLY A 130 7.88 18.75 7.07
N LEU A 131 8.37 17.53 7.24
CA LEU A 131 8.16 16.46 6.29
C LEU A 131 6.78 15.83 6.45
N LEU A 132 6.31 15.15 5.41
CA LEU A 132 5.04 14.46 5.47
C LEU A 132 5.16 13.13 6.22
N VAL A 133 4.15 12.80 7.00
CA VAL A 133 4.18 11.58 7.80
C VAL A 133 2.77 11.02 7.99
N GLY A 134 2.67 9.70 8.06
CA GLY A 134 1.40 9.04 8.31
C GLY A 134 1.48 8.15 9.53
N ALA A 135 0.32 7.78 10.07
CA ALA A 135 0.27 6.92 11.25
C ALA A 135 -0.94 5.99 11.18
N ALA A 136 -0.82 4.82 11.78
CA ALA A 136 -1.86 3.80 11.70
C ALA A 136 -2.66 3.69 13.00
N VAL A 137 -3.98 3.51 12.85
CA VAL A 137 -4.86 3.28 13.98
C VAL A 137 -5.83 2.16 13.65
N GLY A 138 -6.37 1.51 14.68
CA GLY A 138 -7.33 0.44 14.50
C GLY A 138 -8.76 0.94 14.63
N VAL A 139 -9.57 0.23 15.40
CA VAL A 139 -10.94 0.66 15.69
C VAL A 139 -11.23 0.56 17.19
N GLY A 140 -12.17 1.39 17.65
CA GLY A 140 -12.56 1.36 19.05
C GLY A 140 -12.08 2.57 19.83
N GLY A 141 -12.15 2.47 21.15
CA GLY A 141 -11.75 3.55 22.03
C GLY A 141 -10.26 3.81 22.02
N ASP A 142 -9.47 2.75 22.15
CA ASP A 142 -8.02 2.85 22.14
C ASP A 142 -7.51 3.51 20.87
N ALA A 143 -8.10 3.11 19.74
CA ALA A 143 -7.72 3.66 18.45
C ALA A 143 -8.12 5.12 18.32
N TRP A 144 -9.28 5.48 18.88
CA TRP A 144 -9.76 6.84 18.84
C TRP A 144 -8.87 7.75 19.66
N VAL A 145 -8.52 7.31 20.86
CA VAL A 145 -7.61 8.05 21.74
C VAL A 145 -6.26 8.21 21.05
N ARG A 146 -5.78 7.12 20.44
CA ARG A 146 -4.52 7.14 19.73
C ARG A 146 -4.55 8.15 18.58
N ALA A 147 -5.68 8.19 17.87
CA ALA A 147 -5.85 9.08 16.74
C ALA A 147 -5.74 10.55 17.14
N MET A 148 -6.32 10.89 18.28
CA MET A 148 -6.31 12.27 18.77
C MET A 148 -4.91 12.72 19.13
N MET A 149 -4.14 11.85 19.77
CA MET A 149 -2.77 12.15 20.14
C MET A 149 -1.91 12.36 18.90
N LEU A 150 -2.18 11.55 17.87
CA LEU A 150 -1.45 11.65 16.61
C LEU A 150 -1.78 12.96 15.90
N VAL A 151 -3.06 13.33 15.90
CA VAL A 151 -3.50 14.59 15.30
C VAL A 151 -2.86 15.77 16.01
N ASP A 152 -2.86 15.72 17.33
CA ASP A 152 -2.22 16.76 18.14
C ASP A 152 -0.71 16.79 17.89
N ALA A 153 -0.15 15.65 17.54
CA ALA A 153 1.28 15.54 17.28
C ALA A 153 1.63 16.10 15.89
N GLY A 154 0.61 16.50 15.15
CA GLY A 154 0.81 17.13 13.85
C GLY A 154 0.93 16.16 12.70
N VAL A 155 0.27 15.01 12.81
CA VAL A 155 0.30 14.02 11.75
C VAL A 155 -0.49 14.55 10.54
N ASP A 156 -0.11 14.12 9.35
CA ASP A 156 -0.76 14.58 8.13
C ASP A 156 -1.79 13.58 7.62
N VAL A 157 -1.51 12.30 7.81
CA VAL A 157 -2.41 11.24 7.35
C VAL A 157 -2.66 10.18 8.41
N LEU A 158 -3.93 9.98 8.75
CA LEU A 158 -4.32 8.88 9.62
C LEU A 158 -4.75 7.69 8.77
N VAL A 159 -4.23 6.52 9.10
CA VAL A 159 -4.54 5.31 8.34
C VAL A 159 -5.26 4.29 9.22
N VAL A 160 -6.55 4.11 8.97
CA VAL A 160 -7.32 3.07 9.66
C VAL A 160 -6.85 1.70 9.16
N ASP A 161 -5.95 1.08 9.92
CA ASP A 161 -5.31 -0.15 9.52
C ASP A 161 -6.07 -1.38 10.00
N THR A 162 -6.85 -1.98 9.11
CA THR A 162 -7.57 -3.22 9.40
C THR A 162 -7.37 -4.25 8.29
N ALA A 163 -7.69 -5.49 8.59
CA ALA A 163 -7.55 -6.58 7.63
C ALA A 163 -8.78 -6.66 6.72
N HIS A 164 -9.90 -6.17 7.23
CA HIS A 164 -11.17 -6.27 6.52
C HIS A 164 -12.01 -5.01 6.75
N ALA A 165 -11.83 -4.01 5.88
CA ALA A 165 -12.45 -2.71 6.06
C ALA A 165 -13.90 -2.66 5.57
N HIS A 166 -14.45 -3.82 5.21
CA HIS A 166 -15.84 -3.87 4.78
C HIS A 166 -16.75 -4.15 5.98
N ASN A 167 -16.15 -4.26 7.15
CA ASN A 167 -16.90 -4.38 8.39
C ASN A 167 -17.46 -3.02 8.78
N ARG A 168 -18.70 -2.99 9.25
CA ARG A 168 -19.40 -1.73 9.52
C ARG A 168 -18.77 -0.96 10.67
N LEU A 169 -17.94 -1.63 11.47
CA LEU A 169 -17.23 -0.96 12.55
C LEU A 169 -16.12 -0.09 12.00
N VAL A 170 -15.46 -0.57 10.95
CA VAL A 170 -14.39 0.17 10.30
C VAL A 170 -14.95 1.38 9.56
N LEU A 171 -16.07 1.17 8.87
CA LEU A 171 -16.73 2.23 8.11
C LEU A 171 -17.19 3.37 9.01
N ASP A 172 -17.53 3.04 10.25
CA ASP A 172 -17.91 4.05 11.23
C ASP A 172 -16.69 4.77 11.76
N MET A 173 -15.60 4.02 11.95
CA MET A 173 -14.35 4.58 12.45
C MET A 173 -13.82 5.64 11.50
N VAL A 174 -13.95 5.39 10.21
CA VAL A 174 -13.52 6.33 9.19
C VAL A 174 -14.46 7.54 9.14
N GLY A 175 -15.76 7.26 9.17
CA GLY A 175 -16.78 8.30 9.08
C GLY A 175 -16.71 9.34 10.18
N LYS A 176 -16.60 8.88 11.42
CA LYS A 176 -16.58 9.80 12.56
C LYS A 176 -15.26 10.54 12.67
N LEU A 177 -14.16 9.87 12.33
CA LEU A 177 -12.85 10.50 12.33
C LEU A 177 -12.83 11.69 11.38
N LYS A 178 -13.43 11.50 10.21
CA LYS A 178 -13.50 12.55 9.21
C LYS A 178 -14.42 13.68 9.64
N SER A 179 -15.36 13.37 10.53
CA SER A 179 -16.29 14.36 11.05
C SER A 179 -15.63 15.23 12.11
N GLU A 180 -14.65 14.67 12.81
CA GLU A 180 -14.01 15.35 13.93
C GLU A 180 -12.77 16.13 13.50
N VAL A 181 -11.88 15.48 12.76
CA VAL A 181 -10.60 16.09 12.40
C VAL A 181 -10.37 16.10 10.89
N GLY A 182 -11.43 15.98 10.12
CA GLY A 182 -11.33 15.88 8.67
C GLY A 182 -10.85 17.15 7.99
N ASP A 183 -10.94 18.27 8.69
CA ASP A 183 -10.57 19.55 8.11
C ASP A 183 -9.06 19.74 8.05
N ARG A 184 -8.34 19.17 9.00
CA ARG A 184 -6.89 19.38 9.10
C ARG A 184 -6.09 18.08 8.99
N VAL A 185 -6.77 16.95 8.91
CA VAL A 185 -6.09 15.66 8.77
C VAL A 185 -6.79 14.79 7.73
N GLU A 186 -6.00 14.12 6.90
CA GLU A 186 -6.53 13.20 5.90
C GLU A 186 -6.79 11.82 6.48
N VAL A 187 -7.93 11.22 6.10
CA VAL A 187 -8.30 9.90 6.61
C VAL A 187 -8.29 8.85 5.50
N VAL A 188 -7.59 7.74 5.75
CA VAL A 188 -7.49 6.66 4.78
C VAL A 188 -8.00 5.35 5.36
N GLY A 189 -8.80 4.63 4.57
CA GLY A 189 -9.36 3.36 5.01
C GLY A 189 -8.84 2.18 4.22
N GLY A 190 -8.70 1.03 4.88
CA GLY A 190 -8.22 -0.18 4.25
C GLY A 190 -8.20 -1.36 5.20
N ASN A 191 -8.04 -2.56 4.67
CA ASN A 191 -7.92 -2.77 3.23
C ASN A 191 -9.17 -3.36 2.61
N VAL A 192 -9.37 -3.11 1.33
CA VAL A 192 -10.47 -3.72 0.58
C VAL A 192 -9.94 -4.55 -0.57
N ALA A 193 -10.82 -5.33 -1.19
CA ALA A 193 -10.44 -6.16 -2.33
C ALA A 193 -11.57 -6.25 -3.35
N THR A 194 -12.71 -5.64 -3.03
CA THR A 194 -13.86 -5.67 -3.92
C THR A 194 -14.38 -4.27 -4.23
N ARG A 195 -15.15 -4.17 -5.29
CA ARG A 195 -15.73 -2.91 -5.74
C ARG A 195 -16.69 -2.33 -4.70
N SER A 196 -17.52 -3.19 -4.14
CA SER A 196 -18.52 -2.77 -3.16
C SER A 196 -17.86 -2.26 -1.88
N ALA A 197 -16.79 -2.90 -1.45
CA ALA A 197 -16.08 -2.52 -0.25
C ALA A 197 -15.45 -1.14 -0.39
N ALA A 198 -14.82 -0.90 -1.54
CA ALA A 198 -14.21 0.40 -1.83
C ALA A 198 -15.27 1.49 -1.91
N ALA A 199 -16.40 1.16 -2.54
CA ALA A 199 -17.50 2.11 -2.68
C ALA A 199 -18.06 2.49 -1.31
N ALA A 200 -18.03 1.55 -0.38
CA ALA A 200 -18.50 1.80 0.98
C ALA A 200 -17.57 2.77 1.69
N LEU A 201 -16.27 2.63 1.44
CA LEU A 201 -15.27 3.50 2.06
C LEU A 201 -15.37 4.92 1.52
N VAL A 202 -15.69 5.04 0.23
CA VAL A 202 -15.85 6.35 -0.39
C VAL A 202 -17.01 7.11 0.24
N ASP A 203 -18.13 6.41 0.43
CA ASP A 203 -19.31 7.01 1.03
C ASP A 203 -19.12 7.29 2.52
N ALA A 204 -18.11 6.64 3.11
CA ALA A 204 -17.79 6.86 4.51
C ALA A 204 -16.98 8.15 4.68
N GLY A 205 -16.46 8.67 3.57
CA GLY A 205 -15.73 9.93 3.58
C GLY A 205 -14.23 9.77 3.51
N ALA A 206 -13.78 8.60 3.05
CA ALA A 206 -12.34 8.33 2.96
C ALA A 206 -11.68 9.16 1.87
N ASP A 207 -10.47 9.64 2.15
CA ASP A 207 -9.71 10.40 1.19
C ASP A 207 -8.96 9.48 0.24
N ALA A 208 -8.66 8.28 0.72
CA ALA A 208 -7.97 7.28 -0.08
C ALA A 208 -8.38 5.88 0.36
N VAL A 209 -8.38 4.94 -0.58
CA VAL A 209 -8.76 3.57 -0.28
C VAL A 209 -7.61 2.62 -0.57
N LYS A 210 -7.07 2.02 0.49
CA LYS A 210 -5.96 1.09 0.36
C LYS A 210 -6.48 -0.30 -0.01
N VAL A 211 -5.84 -0.91 -1.00
CA VAL A 211 -6.33 -2.18 -1.56
C VAL A 211 -5.33 -3.32 -1.36
N GLY A 212 -5.83 -4.46 -0.89
CA GLY A 212 -5.01 -5.64 -0.72
C GLY A 212 -5.48 -6.53 0.40
N VAL A 213 -6.14 -7.62 0.04
CA VAL A 213 -6.55 -8.63 1.02
C VAL A 213 -5.96 -9.98 0.65
N GLY A 214 -4.85 -10.32 1.31
CA GLY A 214 -4.16 -11.57 1.02
C GLY A 214 -2.88 -11.59 0.18
N PRO A 215 -2.55 -10.52 -0.57
CA PRO A 215 -1.43 -10.74 -1.49
C PRO A 215 -0.06 -10.59 -0.85
N GLY A 216 -0.03 -10.23 0.43
CA GLY A 216 1.23 -9.99 1.12
C GLY A 216 2.18 -11.17 1.08
N SER A 217 3.48 -10.87 1.10
CA SER A 217 4.52 -11.90 1.07
C SER A 217 4.50 -12.71 2.36
N ILE A 218 4.42 -12.02 3.49
CA ILE A 218 4.37 -12.67 4.79
C ILE A 218 2.94 -12.99 5.20
N CYS A 219 2.02 -12.86 4.26
CA CYS A 219 0.60 -13.08 4.52
C CYS A 219 0.22 -14.54 4.38
N THR A 220 -0.71 -14.98 5.24
CA THR A 220 -1.22 -16.34 5.18
C THR A 220 -2.74 -16.35 5.26
N THR A 221 -3.36 -15.21 4.99
CA THR A 221 -4.81 -15.10 4.99
C THR A 221 -5.42 -16.02 3.93
N ARG A 222 -4.74 -16.12 2.80
CA ARG A 222 -5.15 -17.02 1.73
C ARG A 222 -5.05 -18.48 2.16
N VAL A 223 -4.19 -18.75 3.14
CA VAL A 223 -3.90 -20.11 3.54
C VAL A 223 -4.78 -20.56 4.72
N VAL A 224 -4.85 -19.73 5.76
CA VAL A 224 -5.56 -20.11 6.98
C VAL A 224 -7.07 -19.85 6.87
N ALA A 225 -7.46 -18.94 5.99
CA ALA A 225 -8.86 -18.58 5.85
C ALA A 225 -9.39 -18.89 4.45
N GLY A 226 -8.48 -19.09 3.50
CA GLY A 226 -8.87 -19.33 2.13
C GLY A 226 -9.51 -18.11 1.51
N VAL A 227 -9.21 -16.94 2.08
CA VAL A 227 -9.80 -15.69 1.66
C VAL A 227 -8.76 -14.77 1.05
N GLY A 228 -9.07 -14.21 -0.12
CA GLY A 228 -8.18 -13.30 -0.79
C GLY A 228 -8.69 -12.85 -2.14
N ALA A 229 -7.93 -11.98 -2.79
CA ALA A 229 -8.26 -11.50 -4.12
C ALA A 229 -7.01 -10.98 -4.81
N PRO A 230 -6.61 -11.62 -5.93
CA PRO A 230 -5.46 -11.24 -6.74
C PRO A 230 -5.46 -9.74 -7.04
N GLN A 231 -4.34 -9.08 -6.77
CA GLN A 231 -4.32 -7.63 -6.65
C GLN A 231 -4.61 -6.85 -7.93
N ILE A 232 -4.21 -7.37 -9.09
CA ILE A 232 -4.51 -6.68 -10.35
C ILE A 232 -6.02 -6.54 -10.51
N THR A 233 -6.74 -7.64 -10.32
CA THR A 233 -8.20 -7.62 -10.36
C THR A 233 -8.75 -6.79 -9.20
N ALA A 234 -8.13 -6.92 -8.03
CA ALA A 234 -8.56 -6.19 -6.84
C ALA A 234 -8.43 -4.67 -7.04
N ILE A 235 -7.35 -4.25 -7.68
CA ILE A 235 -7.15 -2.84 -7.98
C ILE A 235 -8.15 -2.36 -9.02
N LEU A 236 -8.29 -3.14 -10.10
CA LEU A 236 -9.22 -2.81 -11.17
C LEU A 236 -10.65 -2.62 -10.68
N GLU A 237 -11.09 -3.51 -9.78
CA GLU A 237 -12.43 -3.44 -9.24
C GLU A 237 -12.61 -2.25 -8.29
N ALA A 238 -11.59 -1.98 -7.49
CA ALA A 238 -11.63 -0.89 -6.53
C ALA A 238 -11.58 0.47 -7.23
N VAL A 239 -10.74 0.57 -8.25
CA VAL A 239 -10.59 1.81 -9.01
C VAL A 239 -11.89 2.15 -9.73
N ALA A 240 -12.60 1.12 -10.16
CA ALA A 240 -13.88 1.29 -10.85
C ALA A 240 -14.93 1.95 -9.96
N ALA A 241 -14.68 1.95 -8.64
CA ALA A 241 -15.58 2.57 -7.69
C ALA A 241 -15.02 3.87 -7.14
N CYS A 242 -13.70 3.97 -7.08
CA CYS A 242 -13.04 5.13 -6.47
C CYS A 242 -12.80 6.27 -7.44
N ARG A 243 -12.26 5.95 -8.61
CA ARG A 243 -11.95 6.95 -9.64
C ARG A 243 -13.15 7.82 -10.04
N PRO A 244 -14.35 7.22 -10.22
CA PRO A 244 -15.49 8.10 -10.52
C PRO A 244 -15.80 9.09 -9.41
N ALA A 245 -15.37 8.80 -8.20
CA ALA A 245 -15.58 9.69 -7.06
C ALA A 245 -14.35 10.55 -6.79
N GLY A 246 -13.30 10.34 -7.59
CA GLY A 246 -12.08 11.11 -7.46
C GLY A 246 -11.30 10.77 -6.20
N VAL A 247 -11.33 9.51 -5.81
CA VAL A 247 -10.61 9.06 -4.62
C VAL A 247 -9.44 8.16 -4.98
N PRO A 248 -8.22 8.58 -4.64
CA PRO A 248 -6.98 7.83 -4.91
C PRO A 248 -6.98 6.43 -4.31
N VAL A 249 -6.29 5.51 -4.97
CA VAL A 249 -6.24 4.12 -4.53
C VAL A 249 -4.80 3.68 -4.25
N ILE A 250 -4.58 3.08 -3.08
CA ILE A 250 -3.26 2.60 -2.70
C ILE A 250 -3.14 1.09 -2.86
N ALA A 251 -2.17 0.65 -3.64
CA ALA A 251 -1.90 -0.78 -3.81
C ALA A 251 -1.01 -1.28 -2.67
N ASP A 252 -1.47 -2.29 -1.95
CA ASP A 252 -0.77 -2.75 -0.75
C ASP A 252 -0.48 -4.24 -0.78
N GLY A 253 0.80 -4.59 -0.84
CA GLY A 253 1.22 -5.97 -0.76
C GLY A 253 1.29 -6.70 -2.09
N GLY A 254 2.18 -7.68 -2.19
CA GLY A 254 2.31 -8.50 -3.38
C GLY A 254 3.27 -7.96 -4.42
N LEU A 255 4.04 -6.94 -4.04
CA LEU A 255 4.99 -6.33 -4.95
C LEU A 255 6.39 -6.90 -4.76
N GLN A 256 6.85 -7.68 -5.73
CA GLN A 256 8.15 -8.33 -5.65
C GLN A 256 9.23 -7.54 -6.37
N TYR A 257 8.86 -6.92 -7.50
CA TYR A 257 9.80 -6.18 -8.31
C TYR A 257 9.28 -4.77 -8.60
N SER A 258 10.12 -3.96 -9.25
CA SER A 258 9.73 -2.60 -9.59
C SER A 258 8.69 -2.59 -10.70
N GLY A 259 8.67 -3.65 -11.50
CA GLY A 259 7.68 -3.79 -12.56
C GLY A 259 6.28 -3.90 -12.01
N ASP A 260 6.16 -4.54 -10.85
CA ASP A 260 4.88 -4.70 -10.18
C ASP A 260 4.31 -3.35 -9.77
N ILE A 261 5.20 -2.42 -9.45
CA ILE A 261 4.78 -1.05 -9.10
C ILE A 261 4.15 -0.37 -10.31
N ALA A 262 4.78 -0.54 -11.47
CA ALA A 262 4.27 0.03 -12.71
C ALA A 262 2.96 -0.63 -13.11
N LYS A 263 2.85 -1.93 -12.85
CA LYS A 263 1.64 -2.69 -13.16
C LYS A 263 0.49 -2.24 -12.26
N ALA A 264 0.80 -1.98 -10.99
CA ALA A 264 -0.20 -1.56 -10.03
C ALA A 264 -0.80 -0.21 -10.40
N LEU A 265 0.07 0.75 -10.70
CA LEU A 265 -0.36 2.10 -11.06
C LEU A 265 -1.12 2.11 -12.38
N ALA A 266 -0.66 1.29 -13.33
CA ALA A 266 -1.32 1.20 -14.63
C ALA A 266 -2.68 0.53 -14.51
N ALA A 267 -2.87 -0.23 -13.44
CA ALA A 267 -4.15 -0.88 -13.18
C ALA A 267 -5.17 0.12 -12.63
N GLY A 268 -4.70 1.32 -12.29
CA GLY A 268 -5.57 2.38 -11.84
C GLY A 268 -5.15 2.99 -10.51
N ALA A 269 -4.25 2.31 -9.81
CA ALA A 269 -3.79 2.78 -8.50
C ALA A 269 -2.99 4.08 -8.63
N SER A 270 -3.04 4.90 -7.59
CA SER A 270 -2.34 6.18 -7.60
C SER A 270 -0.99 6.07 -6.88
N THR A 271 -0.96 5.30 -5.80
CA THR A 271 0.28 5.05 -5.06
C THR A 271 0.39 3.57 -4.71
N ALA A 272 1.59 3.16 -4.31
CA ALA A 272 1.82 1.76 -3.92
C ALA A 272 2.50 1.69 -2.56
N MET A 273 2.00 0.80 -1.71
CA MET A 273 2.59 0.60 -0.39
C MET A 273 3.51 -0.62 -0.39
N LEU A 274 4.78 -0.39 -0.01
CA LEU A 274 5.79 -1.44 -0.04
C LEU A 274 6.21 -1.85 1.36
N GLY A 275 6.41 -3.15 1.56
CA GLY A 275 6.85 -3.67 2.84
C GLY A 275 8.06 -4.57 2.71
N SER A 276 7.94 -5.58 1.83
CA SER A 276 9.01 -6.53 1.61
C SER A 276 10.24 -5.89 0.96
N LEU A 277 9.99 -4.94 0.07
CA LEU A 277 11.06 -4.29 -0.69
C LEU A 277 11.87 -3.31 0.15
N LEU A 278 11.35 -2.95 1.32
CA LEU A 278 11.99 -1.94 2.15
C LEU A 278 12.43 -2.49 3.50
N ALA A 279 12.04 -3.73 3.79
CA ALA A 279 12.34 -4.35 5.07
C ALA A 279 13.82 -4.67 5.23
N GLY A 280 14.51 -4.82 4.12
CA GLY A 280 15.93 -5.14 4.13
C GLY A 280 16.82 -3.91 4.14
N THR A 281 16.20 -2.73 4.13
CA THR A 281 16.94 -1.48 4.12
C THR A 281 17.45 -1.12 5.51
N ALA A 282 18.48 -0.26 5.55
CA ALA A 282 19.13 0.11 6.80
C ALA A 282 18.25 1.02 7.65
N GLU A 283 17.39 1.79 7.01
CA GLU A 283 16.50 2.71 7.71
C GLU A 283 15.30 1.97 8.31
N ALA A 284 15.24 0.67 8.07
CA ALA A 284 14.15 -0.15 8.58
C ALA A 284 14.51 -0.81 9.91
N PRO A 285 13.53 -0.94 10.81
CA PRO A 285 13.69 -1.60 12.11
C PRO A 285 14.14 -3.05 11.99
N GLY A 286 14.59 -3.64 13.08
CA GLY A 286 15.13 -4.97 13.06
C GLY A 286 16.63 -4.87 12.82
N GLU A 287 17.39 -5.75 13.47
CA GLU A 287 18.84 -5.70 13.38
C GLU A 287 19.36 -6.54 12.23
N LEU A 288 20.65 -6.38 11.94
CA LEU A 288 21.30 -7.13 10.85
C LEU A 288 21.46 -8.60 11.21
N ILE A 289 21.46 -9.45 10.19
CA ILE A 289 21.61 -10.89 10.38
C ILE A 289 22.75 -11.41 9.50
N PHE A 290 23.91 -11.64 10.12
CA PHE A 290 25.10 -12.04 9.39
C PHE A 290 25.25 -13.56 9.28
N VAL A 291 24.19 -14.29 9.60
CA VAL A 291 24.22 -15.75 9.53
C VAL A 291 24.43 -16.21 8.09
N ASN A 292 25.09 -17.37 7.95
CA ASN A 292 25.36 -18.01 6.66
C ASN A 292 26.37 -17.24 5.81
N GLY A 293 26.94 -16.18 6.37
CA GLY A 293 27.89 -15.36 5.64
C GLY A 293 27.19 -14.35 4.76
N LYS A 294 25.86 -14.39 4.75
CA LYS A 294 25.06 -13.41 4.03
C LYS A 294 24.38 -12.48 5.02
N GLN A 295 23.76 -11.41 4.51
CA GLN A 295 23.17 -10.40 5.36
C GLN A 295 21.65 -10.31 5.18
N TYR A 296 20.92 -10.42 6.29
CA TYR A 296 19.47 -10.35 6.26
C TYR A 296 18.94 -9.44 7.36
N LYS A 297 17.65 -9.13 7.29
CA LYS A 297 16.98 -8.35 8.32
C LYS A 297 15.63 -8.98 8.64
N SER A 298 15.17 -8.80 9.89
CA SER A 298 13.91 -9.36 10.33
C SER A 298 12.73 -8.69 9.64
N TYR A 299 11.80 -9.49 9.13
CA TYR A 299 10.59 -8.98 8.50
C TYR A 299 9.39 -9.86 8.83
N ARG A 300 8.55 -9.39 9.75
CA ARG A 300 7.40 -10.15 10.20
C ARG A 300 6.10 -9.41 9.92
N GLY A 301 5.03 -10.16 9.67
CA GLY A 301 3.72 -9.58 9.51
C GLY A 301 3.19 -9.09 10.84
N MET A 302 2.28 -8.12 10.80
CA MET A 302 1.69 -7.59 12.01
C MET A 302 0.71 -8.60 12.63
N GLY A 303 0.39 -9.64 11.88
CA GLY A 303 -0.50 -10.69 12.34
C GLY A 303 0.24 -11.97 12.64
N SER A 304 1.57 -11.88 12.76
CA SER A 304 2.39 -13.04 13.10
C SER A 304 2.34 -13.29 14.60
N LEU A 305 2.55 -14.55 15.00
CA LEU A 305 2.41 -14.95 16.39
C LEU A 305 3.32 -14.15 17.33
N GLY A 306 4.50 -13.78 16.84
CA GLY A 306 5.45 -13.03 17.65
C GLY A 306 5.28 -11.53 17.58
N ALA A 307 4.31 -11.08 16.78
CA ALA A 307 4.04 -9.66 16.64
C ALA A 307 3.02 -9.19 17.68
N MET A 308 2.57 -10.12 18.51
CA MET A 308 1.59 -9.80 19.54
C MET A 308 2.12 -10.13 20.93
N VAL A 334 -5.40 -16.50 16.23
CA VAL A 334 -4.95 -17.31 15.10
C VAL A 334 -4.02 -16.50 14.20
N PRO A 335 -2.72 -16.83 14.21
CA PRO A 335 -1.71 -16.12 13.42
C PRO A 335 -2.02 -16.10 11.92
N GLU A 336 -2.15 -14.90 11.36
CA GLU A 336 -2.34 -14.75 9.92
C GLU A 336 -1.09 -14.15 9.30
N GLY A 337 0.05 -14.32 9.97
CA GLY A 337 1.32 -13.81 9.48
C GLY A 337 2.49 -14.66 9.92
N ILE A 338 3.65 -14.40 9.34
CA ILE A 338 4.86 -15.17 9.64
C ILE A 338 6.07 -14.25 9.89
N GLU A 339 7.03 -14.76 10.64
CA GLU A 339 8.28 -14.04 10.88
C GLU A 339 9.36 -14.55 9.95
N GLY A 340 9.62 -13.82 8.88
CA GLY A 340 10.60 -14.23 7.89
C GLY A 340 11.81 -13.32 7.84
N ARG A 341 12.68 -13.57 6.86
CA ARG A 341 13.89 -12.76 6.68
C ARG A 341 13.96 -12.23 5.25
N VAL A 342 14.58 -11.06 5.10
CA VAL A 342 14.79 -10.49 3.77
C VAL A 342 16.24 -10.04 3.63
N PRO A 343 16.81 -10.21 2.42
CA PRO A 343 18.20 -9.83 2.15
C PRO A 343 18.44 -8.33 2.40
N PHE A 344 19.53 -8.01 3.09
CA PHE A 344 19.89 -6.62 3.35
C PHE A 344 20.16 -5.91 2.03
N ARG A 345 19.50 -4.78 1.82
CA ARG A 345 19.56 -4.07 0.54
C ARG A 345 20.21 -2.69 0.63
N GLY A 346 20.96 -2.45 1.70
CA GLY A 346 21.63 -1.18 1.86
C GLY A 346 20.70 -0.04 2.25
N PRO A 347 21.11 1.19 1.98
CA PRO A 347 20.32 2.39 2.30
C PRO A 347 18.98 2.42 1.56
N LEU A 348 18.04 3.19 2.08
CA LEU A 348 16.72 3.30 1.46
C LEU A 348 16.79 4.04 0.13
N SER A 349 17.52 5.16 0.11
CA SER A 349 17.60 6.02 -1.06
C SER A 349 18.07 5.28 -2.30
N SER A 350 18.92 4.28 -2.11
CA SER A 350 19.42 3.48 -3.22
C SER A 350 18.31 2.61 -3.81
N VAL A 351 17.49 2.03 -2.93
CA VAL A 351 16.39 1.19 -3.37
C VAL A 351 15.30 2.01 -4.06
N ILE A 352 14.95 3.14 -3.46
CA ILE A 352 13.94 4.03 -4.02
C ILE A 352 14.37 4.54 -5.39
N HIS A 353 15.65 4.86 -5.54
CA HIS A 353 16.17 5.35 -6.80
C HIS A 353 16.02 4.35 -7.93
N GLN A 354 16.10 3.06 -7.62
CA GLN A 354 16.04 2.03 -8.66
C GLN A 354 14.60 1.57 -8.89
N LEU A 355 13.75 1.66 -7.87
CA LEU A 355 12.33 1.34 -8.04
C LEU A 355 11.70 2.38 -8.97
N THR A 356 12.01 3.64 -8.72
CA THR A 356 11.52 4.73 -9.55
C THR A 356 12.12 4.66 -10.95
N GLY A 357 13.35 4.17 -11.04
CA GLY A 357 14.03 4.04 -12.31
C GLY A 357 13.31 3.07 -13.23
N GLY A 358 12.85 1.95 -12.67
CA GLY A 358 12.08 0.99 -13.42
C GLY A 358 10.71 1.54 -13.75
N LEU A 359 10.17 2.36 -12.86
CA LEU A 359 8.88 3.00 -13.09
C LEU A 359 8.98 3.99 -14.25
N ARG A 360 10.08 4.75 -14.28
CA ARG A 360 10.30 5.72 -15.34
C ARG A 360 10.49 5.04 -16.69
N ALA A 361 11.08 3.85 -16.66
CA ALA A 361 11.27 3.06 -17.88
C ALA A 361 9.93 2.64 -18.46
N ALA A 362 9.04 2.14 -17.60
CA ALA A 362 7.71 1.71 -18.02
C ALA A 362 6.90 2.86 -18.59
N MET A 363 7.12 4.06 -18.05
CA MET A 363 6.46 5.25 -18.56
C MET A 363 7.00 5.64 -19.93
N GLY A 364 8.22 5.20 -20.22
CA GLY A 364 8.83 5.45 -21.50
C GLY A 364 8.35 4.48 -22.56
N TYR A 365 8.10 3.24 -22.14
CA TYR A 365 7.59 2.21 -23.05
C TYR A 365 6.13 2.43 -23.42
N THR A 366 5.34 2.91 -22.46
CA THR A 366 3.90 3.06 -22.64
C THR A 366 3.50 4.45 -23.13
N GLY A 367 4.49 5.32 -23.33
CA GLY A 367 4.22 6.67 -23.77
C GLY A 367 3.44 7.48 -22.75
N SER A 368 3.78 7.30 -21.49
CA SER A 368 3.08 7.97 -20.41
C SER A 368 3.96 9.06 -19.78
N PRO A 369 3.62 10.33 -20.05
CA PRO A 369 4.36 11.47 -19.48
C PRO A 369 4.08 11.66 -18.00
N THR A 370 2.85 11.35 -17.58
CA THR A 370 2.47 11.48 -16.18
C THR A 370 1.88 10.17 -15.67
N ILE A 371 1.79 10.04 -14.35
CA ILE A 371 1.23 8.84 -13.74
C ILE A 371 -0.23 8.66 -14.13
N GLU A 372 -0.95 9.78 -14.22
CA GLU A 372 -2.36 9.74 -14.58
C GLU A 372 -2.58 9.21 -16.00
N VAL A 373 -1.55 9.29 -16.83
CA VAL A 373 -1.59 8.74 -18.18
C VAL A 373 -1.20 7.27 -18.14
N LEU A 374 -0.25 6.94 -17.27
CA LEU A 374 0.18 5.57 -17.08
C LEU A 374 -0.98 4.70 -16.59
N GLN A 375 -1.91 5.32 -15.87
CA GLN A 375 -3.10 4.63 -15.36
C GLN A 375 -4.03 4.19 -16.48
N GLN A 376 -3.74 4.63 -17.71
CA GLN A 376 -4.56 4.28 -18.86
C GLN A 376 -3.84 3.33 -19.81
N ALA A 377 -2.78 2.71 -19.33
CA ALA A 377 -2.03 1.74 -20.13
C ALA A 377 -2.83 0.45 -20.29
N GLN A 378 -2.40 -0.39 -21.24
CA GLN A 378 -3.09 -1.64 -21.49
C GLN A 378 -2.21 -2.84 -21.14
N PHE A 379 -2.84 -3.90 -20.63
CA PHE A 379 -2.13 -5.12 -20.25
C PHE A 379 -2.25 -6.20 -21.31
N VAL A 380 -1.27 -7.09 -21.34
CA VAL A 380 -1.39 -8.32 -22.10
C VAL A 380 -1.38 -9.49 -21.12
N ARG A 381 -2.33 -10.40 -21.26
CA ARG A 381 -2.45 -11.52 -20.34
C ARG A 381 -1.38 -12.58 -20.65
N ILE A 382 -0.75 -13.10 -19.59
CA ILE A 382 0.35 -14.03 -19.75
C ILE A 382 -0.02 -15.44 -19.26
N THR A 383 0.34 -16.44 -20.06
CA THR A 383 0.11 -17.84 -19.72
C THR A 383 1.19 -18.32 -18.76
N PRO A 384 0.93 -19.43 -18.02
CA PRO A 384 1.91 -19.97 -17.07
C PRO A 384 3.31 -20.19 -17.66
N ALA A 385 3.42 -20.24 -18.98
CA ALA A 385 4.72 -20.35 -19.64
C ALA A 385 5.41 -18.99 -19.71
N GLY A 386 4.77 -17.96 -19.18
CA GLY A 386 5.31 -16.62 -19.19
C GLY A 386 6.51 -16.44 -18.28
N LEU A 387 6.65 -17.34 -17.32
CA LEU A 387 7.80 -17.32 -16.42
C LEU A 387 8.90 -18.24 -16.91
P IMP B . 4.56 -7.01 1.06
O1P IMP B . 5.52 -7.67 2.02
O2P IMP B . 4.28 -7.70 -0.26
O3P IMP B . 5.06 -5.61 0.76
O5' IMP B . 3.17 -6.89 1.83
C5' IMP B . 3.05 -6.11 3.01
C4' IMP B . 1.60 -5.84 3.34
O4' IMP B . 0.96 -7.07 3.77
C3' IMP B . 1.35 -4.87 4.48
O3' IMP B . 1.44 -3.52 4.08
C2' IMP B . -0.05 -5.26 4.95
O2' IMP B . -1.05 -4.72 4.12
C1' IMP B . -0.02 -6.79 4.74
N9 IMP B . 0.30 -7.51 5.99
C8 IMP B . 1.22 -7.15 6.95
N7 IMP B . 1.21 -8.08 7.93
C5 IMP B . 0.32 -9.04 7.60
C6 IMP B . -0.06 -10.21 8.24
O6 IMP B . 0.57 -10.61 9.23
N1 IMP B . -1.01 -11.02 7.66
C2 IMP B . -1.58 -10.66 6.46
N3 IMP B . -1.19 -9.51 5.83
C4 IMP B . -0.25 -8.70 6.38
C13 6Q9 C . -4.42 -8.47 6.17
C15 6Q9 C . -3.31 -6.43 5.64
C17 6Q9 C . -4.53 -7.83 3.94
O01 6Q9 C . -2.02 -7.77 11.36
S02 6Q9 C . -3.15 -7.94 10.41
C03 6Q9 C . -4.52 -7.38 11.17
C04 6Q9 C . -4.69 -6.04 11.46
C05 6Q9 C . -3.77 -4.87 11.16
N06 6Q9 C . -5.89 -5.97 12.07
N07 6Q9 C . -6.44 -7.26 12.16
C08 6Q9 C . -5.58 -8.15 11.60
C09 6Q9 C . -5.82 -9.64 11.51
N10 6Q9 C . -2.87 -7.06 9.19
C11 6Q9 C . -3.29 -7.25 7.90
C12 6Q9 C . -4.05 -8.35 7.50
C14 6Q9 C . -4.05 -7.52 5.24
C16 6Q9 C . -2.92 -6.30 6.96
N18 6Q9 C . -5.20 -9.00 4.11
N19 6Q9 C . -5.14 -9.39 5.47
O20 6Q9 C . -3.20 -9.38 10.06
#